data_4KNM
#
_entry.id   4KNM
#
_cell.length_a   57.591
_cell.length_b   58.165
_cell.length_c   71.075
_cell.angle_alpha   90.000
_cell.angle_beta   92.160
_cell.angle_gamma   90.000
#
_symmetry.space_group_name_H-M   'P 1 21 1'
#
loop_
_entity.id
_entity.type
_entity.pdbx_description
1 polymer 'Carbonic anhydrase 13'
2 non-polymer 'ZINC ION'
3 non-polymer 2-chloro-4-{[(4,6-dimethylpyrimidin-2-yl)sulfanyl]acetyl}benzenesulfonamide
4 non-polymer 'TRIETHYLENE GLYCOL'
5 water water
#
_entity_poly.entity_id   1
_entity_poly.type   'polypeptide(L)'
_entity_poly.pdbx_seq_one_letter_code
;MMSRLSWGYREHNGPIHWKEFFPIADGDQQSPIEIKTKEVKYDSSLRPLSIKYDPSSAKIISNSGHSFNVDFDDTENKSV
LRGGPLTGSYRLRQVHLHWGSADDHGSEHIVDGVSYAAELHVVHWNSDKYPSFVEAAHEPDGLAVLGVFLQIGEPNSQLQ
KITDTLDSIKEKGKQTRFTNFDLLSLLPPSWDYWTYPGSLTVPPLLESVTWIVLKQPINISSQQLAKFRSLLCTAEGEAA
AFLVSNHRPPQPLKGRKVRASFH
;
_entity_poly.pdbx_strand_id   A,B
#
loop_
_chem_comp.id
_chem_comp.type
_chem_comp.name
_chem_comp.formula
E1E non-polymer 2-chloro-4-{[(4,6-dimethylpyrimidin-2-yl)sulfanyl]acetyl}benzenesulfonamide 'C14 H14 Cl N3 O3 S2'
PGE non-polymer 'TRIETHYLENE GLYCOL' 'C6 H14 O4'
ZN non-polymer 'ZINC ION' 'Zn 2'
#
# COMPACT_ATOMS: atom_id res chain seq x y z
N LEU A 5 -5.85 36.51 7.87
CA LEU A 5 -6.27 36.85 6.45
C LEU A 5 -7.65 36.24 6.10
N SER A 6 -8.22 36.72 5.01
CA SER A 6 -9.58 36.37 4.62
C SER A 6 -9.71 36.11 3.10
N TRP A 7 -8.83 35.25 2.62
CA TRP A 7 -8.93 34.72 1.24
C TRP A 7 -10.15 33.80 1.06
N GLY A 8 -10.53 33.64 -0.20
CA GLY A 8 -11.54 32.66 -0.61
C GLY A 8 -11.64 32.54 -2.12
N TYR A 9 -12.88 32.38 -2.59
CA TYR A 9 -13.11 32.10 -3.99
C TYR A 9 -14.09 33.07 -4.64
N ARG A 10 -14.52 34.04 -3.86
CA ARG A 10 -15.46 35.05 -4.29
C ARG A 10 -14.76 36.08 -5.16
N GLU A 11 -15.48 37.10 -5.66
N GLU A 11 -15.51 37.07 -5.65
CA GLU A 11 -14.91 38.04 -6.64
CA GLU A 11 -14.98 38.07 -6.58
C GLU A 11 -13.78 38.95 -6.07
C GLU A 11 -13.77 38.86 -6.03
N HIS A 12 -13.94 39.40 -4.83
CA HIS A 12 -12.98 40.24 -4.14
C HIS A 12 -11.78 39.50 -3.54
N ASN A 13 -11.93 38.19 -3.23
CA ASN A 13 -10.89 37.48 -2.46
C ASN A 13 -10.34 36.19 -3.10
N GLY A 14 -10.69 35.99 -4.34
CA GLY A 14 -10.44 34.75 -5.04
C GLY A 14 -9.08 34.58 -5.69
N PRO A 15 -8.88 33.43 -6.36
CA PRO A 15 -7.54 33.11 -6.92
C PRO A 15 -6.73 34.26 -7.57
N ILE A 16 -7.32 35.09 -8.45
CA ILE A 16 -6.57 36.21 -9.03
C ILE A 16 -6.04 37.23 -7.99
N HIS A 17 -6.73 37.31 -6.87
CA HIS A 17 -6.34 38.20 -5.74
C HIS A 17 -5.28 37.63 -4.79
N TRP A 18 -5.06 36.33 -4.85
CA TRP A 18 -4.18 35.67 -3.87
C TRP A 18 -2.75 36.18 -3.88
N LYS A 19 -2.18 36.48 -5.06
CA LYS A 19 -0.81 37.05 -5.24
C LYS A 19 -0.52 38.27 -4.37
N GLU A 20 -1.58 39.04 -4.07
CA GLU A 20 -1.57 40.27 -3.25
C GLU A 20 -1.01 40.02 -1.84
N PHE A 21 -1.45 38.96 -1.18
CA PHE A 21 -0.98 38.65 0.17
C PHE A 21 -0.10 37.39 0.25
N PHE A 22 -0.06 36.62 -0.85
CA PHE A 22 0.79 35.43 -1.00
C PHE A 22 1.59 35.43 -2.30
N PRO A 23 2.68 36.21 -2.34
CA PRO A 23 3.49 36.36 -3.57
C PRO A 23 3.95 35.06 -4.26
N ILE A 24 4.10 33.96 -3.53
CA ILE A 24 4.42 32.64 -4.13
C ILE A 24 3.35 32.16 -5.16
N ALA A 25 2.15 32.76 -5.13
CA ALA A 25 1.10 32.51 -6.17
C ALA A 25 1.68 32.53 -7.57
N ASP A 26 2.73 33.34 -7.78
CA ASP A 26 3.39 33.45 -9.11
C ASP A 26 4.66 32.65 -9.24
N GLY A 27 4.84 31.71 -8.30
CA GLY A 27 6.02 30.82 -8.25
C GLY A 27 6.22 29.80 -9.34
N ASP A 28 7.33 29.06 -9.24
CA ASP A 28 7.72 28.22 -10.35
C ASP A 28 7.21 26.79 -10.23
N GLN A 29 6.58 26.50 -9.10
CA GLN A 29 6.00 25.18 -8.85
C GLN A 29 4.62 25.30 -8.20
N GLN A 30 3.79 26.08 -8.84
CA GLN A 30 2.38 26.25 -8.50
C GLN A 30 1.45 25.15 -9.09
N SER A 31 0.44 24.87 -8.27
CA SER A 31 -0.56 23.89 -8.54
C SER A 31 -1.96 24.56 -8.42
N PRO A 32 -2.96 24.00 -9.12
CA PRO A 32 -2.85 22.80 -9.94
C PRO A 32 -2.38 23.13 -11.36
N ILE A 33 -2.36 22.14 -12.23
CA ILE A 33 -1.96 22.27 -13.64
C ILE A 33 -2.90 21.52 -14.58
N GLU A 34 -2.79 21.83 -15.90
CA GLU A 34 -3.27 20.89 -16.88
C GLU A 34 -2.34 19.71 -17.05
N ILE A 35 -2.89 18.50 -16.93
CA ILE A 35 -2.25 17.28 -17.43
C ILE A 35 -2.62 17.07 -18.93
N LYS A 36 -1.60 17.20 -19.78
CA LYS A 36 -1.72 16.96 -21.24
C LYS A 36 -1.09 15.64 -21.50
N THR A 37 -1.92 14.64 -21.74
CA THR A 37 -1.46 13.25 -21.77
C THR A 37 -0.50 12.94 -22.91
N LYS A 38 -0.67 13.64 -24.03
CA LYS A 38 0.31 13.64 -25.13
C LYS A 38 1.68 14.17 -24.73
N GLU A 39 1.77 14.87 -23.60
CA GLU A 39 3.10 15.35 -23.11
C GLU A 39 3.64 14.71 -21.83
N VAL A 40 2.92 13.70 -21.34
CA VAL A 40 3.25 12.98 -20.14
C VAL A 40 4.30 11.93 -20.59
N LYS A 41 5.29 11.70 -19.74
CA LYS A 41 6.30 10.69 -20.00
C LYS A 41 6.10 9.58 -19.02
N TYR A 42 5.84 8.38 -19.54
CA TYR A 42 5.88 7.19 -18.71
C TYR A 42 7.26 7.11 -18.02
N ASP A 43 7.30 6.71 -16.77
CA ASP A 43 8.58 6.54 -16.13
C ASP A 43 8.52 5.21 -15.40
N SER A 44 9.17 4.20 -15.99
CA SER A 44 9.29 2.83 -15.45
C SER A 44 9.89 2.72 -14.01
N SER A 45 10.64 3.73 -13.57
CA SER A 45 11.15 3.75 -12.18
C SER A 45 10.12 4.15 -11.10
N LEU A 46 9.02 4.78 -11.51
CA LEU A 46 7.90 5.10 -10.56
C LEU A 46 7.37 3.78 -10.00
N ARG A 47 7.01 3.77 -8.72
CA ARG A 47 6.61 2.54 -8.09
C ARG A 47 5.09 2.54 -7.93
N PRO A 48 4.49 1.35 -7.71
CA PRO A 48 3.08 1.36 -7.33
C PRO A 48 2.88 2.10 -6.01
N LEU A 49 1.63 2.58 -5.85
CA LEU A 49 1.21 3.10 -4.59
C LEU A 49 1.07 1.96 -3.60
N SER A 50 1.52 2.26 -2.39
CA SER A 50 1.36 1.39 -1.25
C SER A 50 0.55 2.12 -0.17
N ILE A 51 -0.69 1.71 0.01
CA ILE A 51 -1.61 2.53 0.81
C ILE A 51 -2.20 1.79 2.01
N LYS A 52 -2.04 2.36 3.20
CA LYS A 52 -2.91 1.85 4.28
C LYS A 52 -3.72 2.98 4.92
N TYR A 53 -5.05 2.84 4.99
CA TYR A 53 -5.87 3.82 5.69
C TYR A 53 -6.81 3.11 6.62
N ASP A 54 -6.57 3.33 7.90
CA ASP A 54 -7.33 2.72 8.96
C ASP A 54 -8.63 3.53 9.03
N PRO A 55 -9.78 2.85 8.86
CA PRO A 55 -11.06 3.59 9.02
C PRO A 55 -11.29 4.28 10.38
N SER A 56 -10.68 3.80 11.45
CA SER A 56 -10.71 4.49 12.73
C SER A 56 -9.80 5.76 12.87
N SER A 57 -8.94 6.06 11.87
CA SER A 57 -8.12 7.26 11.92
C SER A 57 -8.95 8.53 11.76
N ALA A 58 -10.07 8.41 11.03
CA ALA A 58 -10.97 9.50 10.75
C ALA A 58 -11.58 9.96 12.10
N LYS A 59 -11.56 11.26 12.35
CA LYS A 59 -12.03 11.80 13.62
C LYS A 59 -13.22 12.76 13.47
N ILE A 60 -13.12 13.66 12.52
CA ILE A 60 -13.98 14.89 12.59
C ILE A 60 -14.17 15.35 11.19
N ILE A 61 -15.37 15.79 10.89
CA ILE A 61 -15.59 16.48 9.63
C ILE A 61 -16.00 17.90 9.97
N SER A 62 -15.46 18.88 9.29
CA SER A 62 -15.80 20.26 9.62
C SER A 62 -15.85 21.10 8.36
N ASN A 63 -16.50 22.26 8.49
CA ASN A 63 -16.56 23.23 7.39
C ASN A 63 -15.52 24.31 7.61
N SER A 64 -14.49 24.33 6.78
CA SER A 64 -13.42 25.32 6.98
C SER A 64 -13.82 26.68 6.45
N GLY A 65 -14.97 26.75 5.76
CA GLY A 65 -15.35 27.92 4.90
C GLY A 65 -14.75 27.82 3.49
N HIS A 66 -13.71 26.98 3.29
CA HIS A 66 -13.14 26.71 1.96
C HIS A 66 -13.44 25.32 1.35
N SER A 67 -13.92 24.39 2.16
CA SER A 67 -14.29 23.01 1.74
C SER A 67 -14.80 22.36 3.02
N PHE A 68 -15.20 21.09 2.98
CA PHE A 68 -15.24 20.27 4.18
C PHE A 68 -13.84 19.65 4.32
N ASN A 69 -13.44 19.42 5.56
CA ASN A 69 -12.23 18.65 5.89
C ASN A 69 -12.59 17.49 6.77
N VAL A 70 -12.13 16.30 6.40
CA VAL A 70 -12.14 15.19 7.29
C VAL A 70 -10.73 15.21 7.89
N ASP A 71 -10.65 15.48 9.18
CA ASP A 71 -9.42 15.35 9.94
C ASP A 71 -9.21 13.93 10.49
N PHE A 72 -7.99 13.46 10.31
CA PHE A 72 -7.54 12.18 10.83
C PHE A 72 -6.57 12.43 11.98
N ASP A 73 -6.59 11.56 12.94
CA ASP A 73 -5.54 11.57 13.97
C ASP A 73 -4.13 11.24 13.34
N ASP A 74 -3.32 12.27 13.13
CA ASP A 74 -2.01 12.05 12.57
C ASP A 74 -0.86 12.05 13.64
N THR A 75 -1.18 11.63 14.86
CA THR A 75 -0.14 11.44 15.91
C THR A 75 0.36 10.00 15.86
N GLU A 76 -0.50 9.13 15.34
CA GLU A 76 -0.17 7.72 15.18
C GLU A 76 0.17 7.41 13.68
N ASN A 77 0.84 6.28 13.46
CA ASN A 77 1.20 5.73 12.14
C ASN A 77 0.22 4.71 11.53
N LYS A 78 -1.05 4.85 11.81
CA LYS A 78 -2.01 3.86 11.28
C LYS A 78 -2.36 4.08 9.82
N SER A 79 -2.24 5.32 9.36
CA SER A 79 -2.70 5.64 8.01
C SER A 79 -1.56 6.34 7.31
N VAL A 80 -0.97 5.64 6.33
N VAL A 80 -0.98 5.66 6.33
CA VAL A 80 0.33 5.98 5.69
CA VAL A 80 0.19 6.17 5.65
C VAL A 80 0.31 5.66 4.18
C VAL A 80 0.18 5.76 4.18
N LEU A 81 0.82 6.59 3.39
CA LEU A 81 1.06 6.39 1.95
C LEU A 81 2.59 6.22 1.74
N ARG A 82 2.97 5.21 0.97
CA ARG A 82 4.40 4.98 0.62
C ARG A 82 4.33 4.57 -0.82
N GLY A 83 5.49 4.45 -1.43
CA GLY A 83 5.67 4.05 -2.80
C GLY A 83 5.36 5.23 -3.71
N GLY A 84 4.91 4.92 -4.91
CA GLY A 84 4.61 5.94 -5.89
C GLY A 84 5.92 6.65 -6.14
N PRO A 85 5.89 7.97 -6.25
CA PRO A 85 7.17 8.71 -6.39
C PRO A 85 7.85 9.01 -5.04
N LEU A 86 7.29 8.52 -3.92
CA LEU A 86 7.67 9.01 -2.61
C LEU A 86 8.85 8.24 -2.04
N THR A 87 9.70 8.97 -1.35
CA THR A 87 10.78 8.43 -0.53
C THR A 87 10.30 8.42 0.91
N GLY A 88 10.11 7.24 1.50
CA GLY A 88 9.68 7.25 2.88
C GLY A 88 8.17 7.25 3.10
N SER A 89 7.78 7.38 4.37
N SER A 89 7.79 7.51 4.35
CA SER A 89 6.41 7.23 4.86
CA SER A 89 6.45 7.30 4.89
C SER A 89 5.76 8.60 4.90
C SER A 89 5.69 8.61 5.04
N TYR A 90 4.56 8.71 4.35
CA TYR A 90 3.77 9.95 4.38
C TYR A 90 2.49 9.71 5.12
N ARG A 91 2.41 10.33 6.28
CA ARG A 91 1.27 10.16 7.13
C ARG A 91 0.01 10.89 6.62
N LEU A 92 -1.11 10.22 6.69
CA LEU A 92 -2.40 10.84 6.42
C LEU A 92 -2.84 11.89 7.42
N ARG A 93 -3.34 13.01 6.92
CA ARG A 93 -3.71 14.14 7.74
C ARG A 93 -5.16 14.50 7.58
N GLN A 94 -5.63 14.60 6.33
CA GLN A 94 -6.85 15.33 6.08
C GLN A 94 -7.34 14.97 4.67
N VAL A 95 -8.67 15.03 4.49
CA VAL A 95 -9.31 14.92 3.17
C VAL A 95 -10.29 16.10 2.97
N HIS A 96 -10.29 16.61 1.77
CA HIS A 96 -11.21 17.67 1.41
C HIS A 96 -11.57 17.51 -0.11
N LEU A 97 -12.39 18.40 -0.60
CA LEU A 97 -12.87 18.37 -1.95
C LEU A 97 -12.99 19.77 -2.55
N HIS A 98 -12.76 19.85 -3.89
CA HIS A 98 -12.98 21.07 -4.68
C HIS A 98 -14.07 20.70 -5.72
N TRP A 99 -14.81 21.70 -6.09
CA TRP A 99 -15.89 21.58 -7.07
C TRP A 99 -16.10 22.96 -7.65
N GLY A 100 -16.99 23.03 -8.62
CA GLY A 100 -17.29 24.31 -9.29
C GLY A 100 -18.78 24.57 -9.17
N SER A 101 -19.23 25.70 -9.76
CA SER A 101 -20.60 26.17 -9.55
C SER A 101 -21.65 25.29 -10.27
N ALA A 102 -21.18 24.47 -11.21
CA ALA A 102 -22.01 23.53 -11.93
C ALA A 102 -21.15 22.32 -12.31
N ASP A 103 -21.82 21.23 -12.72
CA ASP A 103 -21.18 19.92 -12.86
C ASP A 103 -20.13 19.82 -14.03
N ASP A 104 -20.19 20.71 -15.00
CA ASP A 104 -19.33 20.71 -16.20
C ASP A 104 -17.90 21.20 -15.91
N HIS A 105 -17.67 21.73 -14.70
CA HIS A 105 -16.29 22.08 -14.29
C HIS A 105 -16.13 21.92 -12.77
N GLY A 106 -14.95 22.12 -12.25
CA GLY A 106 -14.80 22.06 -10.78
C GLY A 106 -13.58 21.36 -10.25
N SER A 107 -12.94 20.53 -11.06
CA SER A 107 -11.67 19.86 -10.70
C SER A 107 -10.60 20.95 -10.74
N GLU A 108 -9.49 20.72 -10.05
CA GLU A 108 -8.39 21.69 -10.02
C GLU A 108 -7.50 21.38 -11.17
N HIS A 109 -6.97 20.17 -11.13
CA HIS A 109 -6.28 19.59 -12.26
C HIS A 109 -7.28 19.35 -13.37
N ILE A 110 -6.77 19.64 -14.56
CA ILE A 110 -7.59 19.44 -15.75
C ILE A 110 -6.84 18.46 -16.65
N VAL A 111 -7.58 17.53 -17.27
CA VAL A 111 -6.94 16.50 -18.15
C VAL A 111 -7.33 16.70 -19.63
N ASP A 112 -6.34 17.02 -20.46
CA ASP A 112 -6.51 17.12 -21.94
C ASP A 112 -7.58 18.14 -22.24
N GLY A 113 -7.44 19.28 -21.59
CA GLY A 113 -8.38 20.38 -21.68
C GLY A 113 -9.71 20.16 -20.97
N VAL A 114 -9.92 19.02 -20.31
CA VAL A 114 -11.24 18.73 -19.73
C VAL A 114 -11.24 18.85 -18.19
N SER A 115 -12.26 19.55 -17.65
CA SER A 115 -12.50 19.59 -16.19
C SER A 115 -13.50 18.49 -15.81
N TYR A 116 -13.14 17.73 -14.76
CA TYR A 116 -14.09 16.93 -14.05
C TYR A 116 -14.96 17.77 -13.16
N ALA A 117 -16.01 17.13 -12.62
CA ALA A 117 -17.04 17.78 -11.78
C ALA A 117 -16.47 18.21 -10.42
N ALA A 118 -15.49 17.44 -9.91
CA ALA A 118 -14.91 17.77 -8.63
C ALA A 118 -13.55 17.01 -8.48
N GLU A 119 -12.82 17.23 -7.38
CA GLU A 119 -11.52 16.57 -7.18
C GLU A 119 -11.30 16.48 -5.68
N LEU A 120 -11.05 15.25 -5.24
CA LEU A 120 -10.79 14.83 -3.85
C LEU A 120 -9.29 14.91 -3.64
N HIS A 121 -8.88 15.58 -2.56
CA HIS A 121 -7.47 15.62 -2.18
C HIS A 121 -7.25 14.97 -0.85
N VAL A 122 -6.29 14.06 -0.83
CA VAL A 122 -5.94 13.31 0.37
C VAL A 122 -4.54 13.81 0.77
N VAL A 123 -4.49 14.55 1.89
CA VAL A 123 -3.27 15.30 2.29
C VAL A 123 -2.44 14.46 3.28
N HIS A 124 -1.16 14.27 2.96
CA HIS A 124 -0.26 13.49 3.80
C HIS A 124 1.02 14.34 4.04
N TRP A 125 1.82 14.01 5.10
CA TRP A 125 3.08 14.73 5.37
C TRP A 125 4.16 13.71 5.73
N ASN A 126 5.41 14.04 5.35
CA ASN A 126 6.58 13.21 5.62
C ASN A 126 6.88 13.15 7.12
N SER A 127 6.45 12.05 7.73
CA SER A 127 6.75 11.76 9.13
C SER A 127 8.09 11.06 9.41
N ASP A 128 8.80 10.64 8.38
CA ASP A 128 10.17 10.17 8.57
C ASP A 128 11.06 11.38 8.95
N LYS A 129 10.88 12.50 8.26
CA LYS A 129 11.75 13.71 8.41
C LYS A 129 11.27 14.82 9.33
N TYR A 130 9.95 14.98 9.46
CA TYR A 130 9.39 16.18 10.06
C TYR A 130 8.59 15.80 11.28
N PRO A 131 8.57 16.66 12.30
CA PRO A 131 7.84 16.35 13.53
C PRO A 131 6.32 16.54 13.40
N SER A 132 5.90 17.32 12.41
CA SER A 132 4.46 17.60 12.26
C SER A 132 4.16 18.07 10.85
N PHE A 133 2.87 18.04 10.54
CA PHE A 133 2.40 18.59 9.28
C PHE A 133 2.87 20.06 9.11
N VAL A 134 2.72 20.87 10.16
CA VAL A 134 3.08 22.30 10.02
C VAL A 134 4.55 22.56 9.58
N GLU A 135 5.50 21.73 10.05
CA GLU A 135 6.90 21.86 9.61
C GLU A 135 7.14 21.29 8.22
N ALA A 136 6.46 20.17 7.95
CA ALA A 136 6.62 19.47 6.68
C ALA A 136 6.11 20.33 5.51
N ALA A 137 5.09 21.15 5.74
CA ALA A 137 4.46 22.06 4.75
C ALA A 137 5.42 23.09 4.18
N HIS A 138 6.57 23.25 4.83
CA HIS A 138 7.57 24.23 4.36
C HIS A 138 8.73 23.64 3.58
N GLU A 139 8.70 22.33 3.34
CA GLU A 139 9.82 21.67 2.68
C GLU A 139 9.39 21.06 1.38
N PRO A 140 10.26 21.10 0.34
CA PRO A 140 9.87 20.55 -0.97
C PRO A 140 9.41 19.12 -0.86
N ASP A 141 9.99 18.33 0.05
CA ASP A 141 9.61 16.93 0.15
C ASP A 141 8.65 16.68 1.31
N GLY A 142 8.06 17.77 1.82
CA GLY A 142 7.26 17.74 3.03
C GLY A 142 5.86 17.10 2.78
N LEU A 143 5.20 17.46 1.66
CA LEU A 143 3.85 16.95 1.50
C LEU A 143 3.66 16.07 0.33
N ALA A 144 2.67 15.21 0.44
CA ALA A 144 2.21 14.48 -0.71
C ALA A 144 0.68 14.49 -0.72
N VAL A 145 0.08 14.88 -1.84
CA VAL A 145 -1.37 14.91 -1.96
C VAL A 145 -1.80 13.94 -3.05
N LEU A 146 -2.70 13.02 -2.66
CA LEU A 146 -3.31 12.17 -3.62
C LEU A 146 -4.58 12.83 -4.11
N GLY A 147 -4.69 13.03 -5.44
CA GLY A 147 -5.90 13.63 -6.06
C GLY A 147 -6.74 12.55 -6.78
N VAL A 148 -8.03 12.55 -6.50
CA VAL A 148 -8.96 11.69 -7.20
C VAL A 148 -10.08 12.59 -7.84
N PHE A 149 -10.24 12.45 -9.14
CA PHE A 149 -11.29 13.09 -9.90
C PHE A 149 -12.63 12.47 -9.67
N LEU A 150 -13.67 13.33 -9.58
CA LEU A 150 -15.04 12.86 -9.45
C LEU A 150 -15.74 13.32 -10.74
N GLN A 151 -16.39 12.35 -11.42
CA GLN A 151 -17.22 12.63 -12.56
C GLN A 151 -18.68 12.27 -12.18
N ILE A 152 -19.63 13.00 -12.75
CA ILE A 152 -21.04 12.65 -12.59
C ILE A 152 -21.29 11.24 -13.09
N GLY A 153 -21.97 10.45 -12.29
CA GLY A 153 -22.35 9.13 -12.66
C GLY A 153 -23.37 8.68 -11.67
N GLU A 154 -23.42 7.37 -11.45
CA GLU A 154 -24.29 6.79 -10.44
C GLU A 154 -23.93 7.30 -9.04
N PRO A 155 -24.96 7.40 -8.16
CA PRO A 155 -24.79 7.63 -6.72
C PRO A 155 -23.68 6.76 -6.09
N ASN A 156 -22.83 7.41 -5.36
CA ASN A 156 -21.66 6.76 -4.75
C ASN A 156 -21.91 6.47 -3.25
N SER A 157 -22.06 5.18 -2.91
CA SER A 157 -22.39 4.74 -1.55
C SER A 157 -21.34 5.19 -0.56
N GLN A 158 -20.10 5.30 -1.05
CA GLN A 158 -18.95 5.73 -0.25
C GLN A 158 -18.91 7.25 -0.02
N LEU A 159 -19.43 8.02 -0.94
CA LEU A 159 -19.50 9.44 -0.65
C LEU A 159 -20.69 9.77 0.21
N GLN A 160 -21.70 8.90 0.22
CA GLN A 160 -22.94 9.23 0.93
C GLN A 160 -22.65 9.45 2.44
N LYS A 161 -21.65 8.80 3.03
CA LYS A 161 -21.30 9.08 4.44
C LYS A 161 -21.01 10.59 4.68
N ILE A 162 -20.29 11.16 3.74
CA ILE A 162 -19.96 12.57 3.79
C ILE A 162 -21.16 13.45 3.55
N THR A 163 -21.89 13.17 2.49
CA THR A 163 -23.02 13.99 2.15
C THR A 163 -24.10 13.99 3.25
N ASP A 164 -24.24 12.86 3.96
CA ASP A 164 -25.23 12.73 5.06
C ASP A 164 -24.95 13.70 6.22
N THR A 165 -23.72 14.22 6.26
CA THR A 165 -23.27 15.01 7.38
C THR A 165 -23.34 16.49 7.02
N LEU A 166 -23.49 16.81 5.75
CA LEU A 166 -23.17 18.16 5.30
C LEU A 166 -24.12 19.23 5.86
N ASP A 167 -25.39 18.87 6.08
CA ASP A 167 -26.32 19.80 6.77
C ASP A 167 -25.91 20.16 8.19
N SER A 168 -25.27 19.25 8.92
CA SER A 168 -24.85 19.52 10.32
C SER A 168 -23.57 20.43 10.32
N ILE A 169 -22.93 20.56 9.17
CA ILE A 169 -21.74 21.45 9.09
C ILE A 169 -21.93 22.53 8.02
N LYS A 170 -23.17 23.01 7.92
CA LYS A 170 -23.51 23.88 6.83
C LYS A 170 -22.72 25.22 6.92
N GLU A 171 -22.58 25.76 8.14
CA GLU A 171 -21.86 27.05 8.37
C GLU A 171 -20.38 26.79 8.64
N LYS A 172 -19.53 27.69 8.14
CA LYS A 172 -18.12 27.72 8.45
C LYS A 172 -17.93 27.67 9.99
N GLY A 173 -17.01 26.79 10.42
CA GLY A 173 -16.69 26.62 11.84
C GLY A 173 -17.39 25.46 12.51
N LYS A 174 -18.38 24.89 11.85
CA LYS A 174 -19.20 23.85 12.46
C LYS A 174 -18.43 22.60 12.19
N GLN A 175 -18.54 21.64 13.10
CA GLN A 175 -17.85 20.36 13.00
C GLN A 175 -18.73 19.30 13.57
N THR A 176 -18.43 18.06 13.21
N THR A 176 -18.52 18.07 13.13
CA THR A 176 -19.21 16.92 13.69
CA THR A 176 -19.20 16.92 13.72
C THR A 176 -18.32 15.70 13.68
C THR A 176 -18.28 15.73 13.70
N ARG A 177 -18.46 14.88 14.71
CA ARG A 177 -17.69 13.62 14.83
C ARG A 177 -17.89 12.81 13.55
N PHE A 178 -16.81 12.24 13.06
CA PHE A 178 -16.83 11.50 11.78
C PHE A 178 -15.77 10.42 11.85
N THR A 179 -16.17 9.17 11.95
CA THR A 179 -15.19 8.09 12.12
C THR A 179 -15.67 6.77 11.43
N ASN A 180 -14.89 5.70 11.53
CA ASN A 180 -15.13 4.51 10.69
C ASN A 180 -15.30 4.85 9.22
N PHE A 181 -14.41 5.69 8.68
CA PHE A 181 -14.54 6.15 7.35
C PHE A 181 -13.57 5.30 6.53
N ASP A 182 -14.12 4.48 5.63
CA ASP A 182 -13.29 3.59 4.84
C ASP A 182 -12.78 4.35 3.61
N LEU A 183 -11.86 5.27 3.86
CA LEU A 183 -11.23 6.05 2.79
C LEU A 183 -10.69 5.22 1.62
N LEU A 184 -9.98 4.12 1.90
N LEU A 184 -10.01 4.10 1.90
CA LEU A 184 -9.47 3.29 0.81
CA LEU A 184 -9.43 3.28 0.82
C LEU A 184 -10.53 2.98 -0.21
C LEU A 184 -10.46 2.76 -0.16
N SER A 185 -11.71 2.59 0.31
CA SER A 185 -12.78 2.05 -0.52
C SER A 185 -13.34 3.15 -1.43
N LEU A 186 -13.09 4.39 -1.06
CA LEU A 186 -13.43 5.53 -1.87
C LEU A 186 -12.53 5.73 -3.11
N LEU A 187 -11.32 5.20 -3.06
CA LEU A 187 -10.43 5.18 -4.21
C LEU A 187 -10.91 4.34 -5.43
N PRO A 188 -10.52 4.77 -6.66
CA PRO A 188 -10.88 3.98 -7.82
C PRO A 188 -10.10 2.64 -7.77
N PRO A 189 -10.59 1.62 -8.49
CA PRO A 189 -9.87 0.35 -8.36
C PRO A 189 -8.42 0.34 -8.99
N SER A 190 -8.19 1.15 -10.02
CA SER A 190 -6.80 1.36 -10.49
C SER A 190 -6.07 2.48 -9.74
N TRP A 191 -4.87 2.19 -9.26
CA TRP A 191 -4.02 3.18 -8.66
C TRP A 191 -2.96 3.79 -9.59
N ASP A 192 -3.16 3.64 -10.91
CA ASP A 192 -2.26 4.33 -11.86
C ASP A 192 -2.34 5.82 -11.67
N TYR A 193 -1.21 6.52 -11.89
CA TYR A 193 -1.15 7.90 -11.50
C TYR A 193 -0.17 8.72 -12.34
N TRP A 194 -0.43 10.03 -12.35
CA TRP A 194 0.53 11.00 -12.81
C TRP A 194 1.10 11.68 -11.58
N THR A 195 2.30 12.28 -11.73
CA THR A 195 2.92 12.91 -10.63
C THR A 195 3.79 14.01 -11.18
N TYR A 196 3.90 15.10 -10.41
CA TYR A 196 4.74 16.25 -10.67
C TYR A 196 4.96 16.98 -9.35
N PRO A 197 6.03 17.80 -9.25
CA PRO A 197 6.24 18.60 -8.06
C PRO A 197 5.44 19.92 -8.14
N GLY A 198 4.80 20.29 -7.07
CA GLY A 198 3.89 21.45 -7.02
C GLY A 198 3.68 22.02 -5.63
N SER A 199 2.47 22.56 -5.40
CA SER A 199 2.17 23.46 -4.26
C SER A 199 0.83 23.11 -3.65
N LEU A 200 0.56 23.66 -2.46
CA LEU A 200 -0.80 23.81 -1.98
C LEU A 200 -1.53 24.59 -3.06
N THR A 201 -2.76 24.18 -3.30
CA THR A 201 -3.62 24.94 -4.22
C THR A 201 -4.42 26.09 -3.58
N VAL A 202 -4.24 26.28 -2.27
CA VAL A 202 -4.92 27.31 -1.50
C VAL A 202 -3.78 28.06 -0.77
N PRO A 203 -4.00 29.34 -0.45
CA PRO A 203 -3.10 30.06 0.46
C PRO A 203 -2.82 29.19 1.69
N PRO A 204 -1.55 29.14 2.18
CA PRO A 204 -0.31 29.87 1.80
C PRO A 204 0.42 29.47 0.50
N LEU A 205 -0.07 28.48 -0.26
CA LEU A 205 0.47 28.20 -1.61
C LEU A 205 1.93 27.68 -1.65
N LEU A 206 2.30 27.03 -0.56
CA LEU A 206 3.64 26.61 -0.40
C LEU A 206 4.01 25.52 -1.41
N GLU A 207 5.23 25.66 -1.93
CA GLU A 207 5.74 24.70 -2.90
C GLU A 207 6.38 23.51 -2.20
N SER A 208 5.53 22.66 -1.61
CA SER A 208 5.94 21.58 -0.72
C SER A 208 5.23 20.25 -1.06
N VAL A 209 4.48 20.25 -2.13
CA VAL A 209 3.62 19.09 -2.52
C VAL A 209 4.13 18.25 -3.68
N THR A 210 4.27 16.95 -3.43
CA THR A 210 4.42 15.94 -4.47
C THR A 210 3.01 15.55 -4.79
N TRP A 211 2.59 15.99 -6.01
CA TRP A 211 1.28 15.65 -6.51
C TRP A 211 1.24 14.23 -7.03
N ILE A 212 0.20 13.50 -6.60
CA ILE A 212 -0.06 12.18 -7.15
C ILE A 212 -1.52 12.13 -7.56
N VAL A 213 -1.75 12.20 -8.84
CA VAL A 213 -3.09 12.34 -9.33
C VAL A 213 -3.44 11.07 -10.08
N LEU A 214 -4.46 10.38 -9.59
N LEU A 214 -4.41 10.33 -9.55
CA LEU A 214 -4.95 9.11 -10.13
CA LEU A 214 -4.90 9.09 -10.14
C LEU A 214 -5.72 9.26 -11.45
C LEU A 214 -5.52 9.39 -11.50
N LYS A 215 -5.34 8.44 -12.43
CA LYS A 215 -5.91 8.53 -13.78
C LYS A 215 -7.40 8.30 -13.75
N GLN A 216 -7.81 7.32 -12.97
CA GLN A 216 -9.21 6.82 -12.99
C GLN A 216 -10.17 7.60 -12.07
N PRO A 217 -11.19 8.21 -12.65
CA PRO A 217 -12.12 8.95 -11.80
C PRO A 217 -13.02 8.03 -10.99
N ILE A 218 -13.64 8.58 -9.94
CA ILE A 218 -14.75 7.88 -9.29
C ILE A 218 -16.05 8.60 -9.63
N ASN A 219 -17.16 7.93 -9.41
CA ASN A 219 -18.46 8.54 -9.71
C ASN A 219 -19.01 9.26 -8.49
N ILE A 220 -19.84 10.27 -8.80
CA ILE A 220 -20.69 10.95 -7.86
C ILE A 220 -22.01 11.38 -8.56
N SER A 221 -23.13 11.36 -7.87
CA SER A 221 -24.37 11.73 -8.57
C SER A 221 -24.44 13.25 -8.62
N SER A 222 -25.23 13.78 -9.57
CA SER A 222 -25.50 15.21 -9.58
C SER A 222 -26.02 15.74 -8.20
N GLN A 223 -26.96 15.02 -7.61
N GLN A 223 -27.00 15.07 -7.61
CA GLN A 223 -27.60 15.38 -6.33
CA GLN A 223 -27.54 15.51 -6.30
C GLN A 223 -26.61 15.33 -5.13
C GLN A 223 -26.48 15.43 -5.18
N GLN A 224 -25.71 14.35 -5.14
CA GLN A 224 -24.58 14.27 -4.19
C GLN A 224 -23.61 15.50 -4.27
N LEU A 225 -23.20 15.84 -5.48
CA LEU A 225 -22.29 16.95 -5.68
C LEU A 225 -22.99 18.25 -5.32
N ALA A 226 -24.27 18.36 -5.65
CA ALA A 226 -25.02 19.62 -5.36
C ALA A 226 -25.04 19.88 -3.83
N LYS A 227 -25.06 18.82 -3.01
CA LYS A 227 -25.02 18.97 -1.51
C LYS A 227 -23.79 19.78 -1.01
N PHE A 228 -22.65 19.58 -1.64
CA PHE A 228 -21.45 20.38 -1.33
C PHE A 228 -21.63 21.84 -1.61
N ARG A 229 -22.35 22.19 -2.67
CA ARG A 229 -22.65 23.59 -2.94
C ARG A 229 -23.64 24.25 -1.97
N SER A 230 -24.36 23.45 -1.17
CA SER A 230 -25.25 23.92 -0.09
C SER A 230 -24.51 24.32 1.19
N LEU A 231 -23.20 24.02 1.25
CA LEU A 231 -22.26 24.57 2.28
C LEU A 231 -22.07 26.10 2.12
N LEU A 232 -21.93 26.80 3.26
CA LEU A 232 -21.70 28.20 3.31
C LEU A 232 -20.22 28.45 3.51
N CYS A 233 -19.72 29.53 2.93
CA CYS A 233 -18.34 29.94 3.21
C CYS A 233 -18.32 30.96 4.37
N THR A 234 -19.46 31.10 5.03
CA THR A 234 -19.66 32.12 6.01
C THR A 234 -20.18 31.44 7.25
N ALA A 235 -20.00 32.08 8.40
CA ALA A 235 -20.30 31.47 9.67
C ALA A 235 -21.74 31.74 10.06
N GLU A 236 -22.24 31.04 11.05
CA GLU A 236 -23.50 31.36 11.60
C GLU A 236 -23.49 32.79 12.24
N GLY A 237 -24.60 33.53 12.01
CA GLY A 237 -24.72 34.94 12.45
C GLY A 237 -23.99 35.94 11.60
N GLU A 238 -23.35 35.47 10.53
CA GLU A 238 -22.76 36.31 9.48
C GLU A 238 -23.68 36.32 8.25
N ALA A 239 -23.51 37.34 7.41
CA ALA A 239 -24.13 37.39 6.07
C ALA A 239 -23.72 36.17 5.29
N ALA A 240 -24.68 35.53 4.64
CA ALA A 240 -24.49 34.24 4.02
C ALA A 240 -23.93 34.36 2.59
N ALA A 241 -22.99 33.49 2.30
CA ALA A 241 -22.54 33.22 0.96
C ALA A 241 -22.34 31.70 0.87
N PHE A 242 -22.98 31.09 -0.15
CA PHE A 242 -22.79 29.66 -0.49
C PHE A 242 -21.43 29.41 -1.13
N LEU A 243 -20.85 28.28 -0.75
CA LEU A 243 -19.58 27.85 -1.26
C LEU A 243 -19.86 27.13 -2.58
N VAL A 244 -20.15 27.92 -3.61
CA VAL A 244 -20.61 27.40 -4.87
C VAL A 244 -19.44 26.84 -5.69
N SER A 245 -18.26 27.41 -5.49
CA SER A 245 -17.04 27.07 -6.27
C SER A 245 -15.81 27.24 -5.38
N ASN A 246 -14.89 26.28 -5.40
CA ASN A 246 -13.71 26.43 -4.51
C ASN A 246 -12.47 25.83 -5.15
N HIS A 247 -12.33 26.06 -6.45
CA HIS A 247 -11.20 25.49 -7.15
C HIS A 247 -10.30 26.61 -7.72
N ARG A 248 -9.00 26.30 -7.71
CA ARG A 248 -8.03 27.26 -8.30
C ARG A 248 -7.83 26.93 -9.78
N PRO A 249 -7.62 27.96 -10.64
CA PRO A 249 -7.31 27.70 -12.04
C PRO A 249 -5.93 27.05 -12.17
N PRO A 250 -5.68 26.35 -13.31
CA PRO A 250 -4.40 25.71 -13.63
C PRO A 250 -3.35 26.80 -13.75
N GLN A 251 -2.14 26.43 -13.37
CA GLN A 251 -1.01 27.34 -13.24
C GLN A 251 0.03 26.95 -14.26
N PRO A 252 0.99 27.89 -14.52
CA PRO A 252 1.96 27.62 -15.59
C PRO A 252 2.88 26.47 -15.18
N LEU A 253 3.10 25.55 -16.13
CA LEU A 253 3.93 24.36 -15.90
C LEU A 253 5.39 24.74 -15.67
N LYS A 254 5.83 25.76 -16.39
CA LYS A 254 7.17 26.30 -16.22
C LYS A 254 8.21 25.18 -16.28
N GLY A 255 8.15 24.37 -17.34
CA GLY A 255 9.15 23.35 -17.57
C GLY A 255 9.21 22.14 -16.64
N ARG A 256 8.18 21.95 -15.80
CA ARG A 256 8.14 20.76 -14.97
C ARG A 256 7.66 19.55 -15.79
N LYS A 257 8.07 18.37 -15.33
CA LYS A 257 7.79 17.11 -15.98
C LYS A 257 6.62 16.46 -15.25
N VAL A 258 5.60 16.08 -15.98
CA VAL A 258 4.55 15.29 -15.46
C VAL A 258 4.84 13.87 -15.87
N ARG A 259 4.95 13.00 -14.88
CA ARG A 259 5.32 11.62 -15.22
C ARG A 259 4.14 10.75 -14.92
N ALA A 260 4.07 9.66 -15.68
CA ALA A 260 3.07 8.60 -15.55
C ALA A 260 3.66 7.29 -15.02
N SER A 261 2.91 6.63 -14.16
CA SER A 261 3.32 5.37 -13.59
C SER A 261 2.97 4.18 -14.53
N PHE A 262 2.34 4.47 -15.64
CA PHE A 262 1.66 3.44 -16.38
C PHE A 262 1.81 3.79 -17.86
N HIS A 263 1.58 2.78 -18.68
CA HIS A 263 1.54 2.90 -20.13
C HIS A 263 0.68 1.78 -20.71
N SER B 6 5.68 -37.43 11.79
CA SER B 6 5.85 -36.69 10.52
C SER B 6 7.21 -35.92 10.36
N TRP B 7 7.31 -35.15 9.27
CA TRP B 7 8.53 -34.55 8.78
C TRP B 7 8.96 -33.34 9.68
N GLY B 8 10.19 -32.86 9.49
CA GLY B 8 10.65 -31.67 10.16
C GLY B 8 11.95 -31.24 9.58
N TYR B 9 12.76 -30.57 10.38
CA TYR B 9 14.10 -30.18 9.90
C TYR B 9 15.24 -30.79 10.76
N ARG B 10 14.88 -31.77 11.58
CA ARG B 10 15.84 -32.44 12.47
C ARG B 10 16.61 -33.44 11.65
N GLU B 11 17.68 -33.97 12.23
CA GLU B 11 18.50 -34.98 11.56
C GLU B 11 17.72 -36.11 10.89
N HIS B 12 16.80 -36.69 11.65
CA HIS B 12 16.12 -37.88 11.24
C HIS B 12 14.85 -37.66 10.35
N ASN B 13 14.25 -36.45 10.36
CA ASN B 13 13.05 -36.19 9.56
C ASN B 13 13.20 -34.97 8.60
N GLY B 14 14.43 -34.49 8.36
CA GLY B 14 14.70 -33.23 7.63
C GLY B 14 14.68 -33.35 6.12
N PRO B 15 15.02 -32.26 5.39
CA PRO B 15 14.90 -32.21 3.91
C PRO B 15 15.36 -33.45 3.16
N ILE B 16 16.51 -34.04 3.53
CA ILE B 16 17.03 -35.22 2.77
C ILE B 16 16.10 -36.46 2.88
N HIS B 17 15.24 -36.49 3.91
CA HIS B 17 14.30 -37.58 4.17
C HIS B 17 12.91 -37.36 3.64
N TRP B 18 12.61 -36.14 3.17
CA TRP B 18 11.25 -35.83 2.73
C TRP B 18 10.80 -36.75 1.60
N LYS B 19 11.71 -37.00 0.65
CA LYS B 19 11.48 -37.94 -0.47
C LYS B 19 10.81 -39.26 -0.03
N GLU B 20 10.97 -39.67 1.23
CA GLU B 20 10.55 -41.01 1.66
C GLU B 20 9.03 -41.17 1.65
N PHE B 21 8.31 -40.08 1.86
CA PHE B 21 6.85 -40.10 1.95
C PHE B 21 6.23 -39.07 0.99
N PHE B 22 7.09 -38.21 0.48
CA PHE B 22 6.67 -37.22 -0.53
C PHE B 22 7.64 -37.34 -1.65
N PRO B 23 7.49 -38.40 -2.50
CA PRO B 23 8.43 -38.60 -3.63
C PRO B 23 8.55 -37.40 -4.62
N ILE B 24 7.52 -36.55 -4.69
CA ILE B 24 7.60 -35.28 -5.44
C ILE B 24 8.81 -34.40 -4.93
N ALA B 25 9.36 -34.65 -3.72
CA ALA B 25 10.62 -34.01 -3.32
C ALA B 25 11.70 -34.06 -4.42
N ASP B 26 11.73 -35.17 -5.17
CA ASP B 26 12.75 -35.34 -6.28
C ASP B 26 12.15 -34.92 -7.64
N GLY B 27 10.96 -34.31 -7.59
CA GLY B 27 10.29 -33.75 -8.79
C GLY B 27 11.11 -32.69 -9.57
N ASP B 28 10.50 -32.19 -10.65
CA ASP B 28 11.07 -31.27 -11.65
C ASP B 28 10.69 -29.79 -11.47
N GLN B 29 9.73 -29.50 -10.56
CA GLN B 29 9.43 -28.10 -10.26
C GLN B 29 9.48 -27.86 -8.75
N GLN B 30 10.55 -28.33 -8.12
CA GLN B 30 10.79 -28.14 -6.70
C GLN B 30 11.44 -26.78 -6.34
N SER B 31 11.12 -26.32 -5.11
CA SER B 31 11.53 -25.00 -4.60
C SER B 31 12.16 -25.22 -3.19
N PRO B 32 13.04 -24.32 -2.77
CA PRO B 32 13.51 -23.13 -3.49
C PRO B 32 14.58 -23.51 -4.56
N ILE B 33 15.17 -22.47 -5.15
CA ILE B 33 16.21 -22.60 -6.15
C ILE B 33 17.33 -21.58 -5.86
N GLU B 34 18.51 -21.83 -6.46
CA GLU B 34 19.49 -20.77 -6.70
C GLU B 34 19.14 -19.97 -7.96
N ILE B 35 18.98 -18.66 -7.76
CA ILE B 35 18.83 -17.73 -8.84
C ILE B 35 20.23 -17.31 -9.33
N LYS B 36 20.60 -17.73 -10.54
CA LYS B 36 21.86 -17.29 -11.19
C LYS B 36 21.50 -16.14 -12.13
N THR B 37 21.88 -14.90 -11.73
CA THR B 37 21.47 -13.69 -12.46
C THR B 37 22.01 -13.58 -13.91
N LYS B 38 23.17 -14.17 -14.18
CA LYS B 38 23.68 -14.31 -15.56
C LYS B 38 22.77 -15.15 -16.47
N GLU B 39 21.84 -15.93 -15.88
CA GLU B 39 20.96 -16.83 -16.64
C GLU B 39 19.49 -16.46 -16.53
N VAL B 40 19.22 -15.42 -15.75
CA VAL B 40 17.87 -14.88 -15.67
C VAL B 40 17.52 -14.11 -16.95
N LYS B 41 16.33 -14.37 -17.49
N LYS B 41 16.32 -14.29 -17.44
CA LYS B 41 15.83 -13.54 -18.58
CA LYS B 41 15.88 -13.59 -18.64
C LYS B 41 14.95 -12.39 -18.08
C LYS B 41 14.90 -12.44 -18.33
N TYR B 42 15.39 -11.19 -18.43
CA TYR B 42 14.59 -10.01 -18.24
C TYR B 42 13.46 -10.05 -19.25
N ASP B 43 12.23 -10.01 -18.72
CA ASP B 43 11.00 -10.03 -19.50
C ASP B 43 10.33 -8.70 -19.35
N SER B 44 10.42 -7.87 -20.39
CA SER B 44 9.85 -6.50 -20.36
C SER B 44 8.30 -6.45 -20.21
N SER B 45 7.62 -7.55 -20.51
CA SER B 45 6.17 -7.60 -20.40
C SER B 45 5.67 -8.04 -19.00
N LEU B 46 6.58 -8.41 -18.11
CA LEU B 46 6.22 -8.61 -16.71
C LEU B 46 5.83 -7.29 -16.13
N ARG B 47 4.59 -7.20 -15.74
CA ARG B 47 4.10 -5.97 -15.15
C ARG B 47 4.42 -5.85 -13.66
N PRO B 48 4.25 -4.65 -13.10
CA PRO B 48 4.62 -4.54 -11.71
C PRO B 48 3.54 -5.21 -10.86
N LEU B 49 3.94 -5.55 -9.65
CA LEU B 49 3.06 -6.06 -8.62
C LEU B 49 2.06 -4.99 -8.17
N SER B 50 0.86 -5.48 -7.94
CA SER B 50 -0.19 -4.68 -7.36
C SER B 50 -0.46 -5.36 -6.03
N ILE B 51 -0.14 -4.65 -4.97
CA ILE B 51 -0.23 -5.28 -3.65
C ILE B 51 -1.21 -4.52 -2.75
N LYS B 52 -2.31 -5.15 -2.34
CA LYS B 52 -3.22 -4.43 -1.48
C LYS B 52 -3.49 -5.32 -0.29
N TYR B 53 -3.05 -4.85 0.88
CA TYR B 53 -3.18 -5.57 2.12
C TYR B 53 -3.79 -4.64 3.15
N ASP B 54 -4.88 -5.11 3.73
CA ASP B 54 -5.57 -4.53 4.87
C ASP B 54 -4.97 -5.05 6.24
N PRO B 55 -4.47 -4.13 7.08
CA PRO B 55 -3.94 -4.55 8.38
C PRO B 55 -4.92 -5.30 9.33
N SER B 56 -6.24 -5.14 9.16
CA SER B 56 -7.15 -5.97 9.97
C SER B 56 -7.49 -7.36 9.36
N SER B 57 -6.91 -7.70 8.22
CA SER B 57 -7.11 -9.03 7.61
C SER B 57 -6.48 -10.10 8.56
N ALA B 58 -5.34 -9.74 9.19
CA ALA B 58 -4.63 -10.65 10.14
C ALA B 58 -5.54 -11.13 11.28
N LYS B 59 -5.56 -12.44 11.56
CA LYS B 59 -6.47 -13.00 12.58
C LYS B 59 -5.73 -13.57 13.81
N ILE B 60 -4.71 -14.36 13.56
CA ILE B 60 -4.14 -15.21 14.55
C ILE B 60 -2.70 -15.47 14.16
N ILE B 61 -1.88 -15.72 15.16
CA ILE B 61 -0.53 -16.19 14.97
C ILE B 61 -0.41 -17.50 15.76
N SER B 62 0.22 -18.50 15.16
CA SER B 62 0.37 -19.82 15.73
C SER B 62 1.76 -20.34 15.42
N ASN B 63 2.18 -21.36 16.18
CA ASN B 63 3.36 -22.07 15.94
C ASN B 63 2.93 -23.35 15.22
N SER B 64 3.28 -23.44 13.94
CA SER B 64 2.93 -24.62 13.12
C SER B 64 3.79 -25.85 13.51
N GLY B 65 4.87 -25.58 14.25
CA GLY B 65 5.90 -26.59 14.46
C GLY B 65 7.03 -26.46 13.45
N HIS B 66 6.81 -25.72 12.36
N HIS B 66 6.76 -25.73 12.35
CA HIS B 66 7.85 -25.59 11.33
CA HIS B 66 7.64 -25.57 11.17
C HIS B 66 8.12 -24.11 11.01
C HIS B 66 8.12 -24.12 11.04
N SER B 67 7.40 -23.22 11.70
CA SER B 67 7.62 -21.76 11.66
C SER B 67 6.47 -21.15 12.56
N PHE B 68 6.40 -19.82 12.64
CA PHE B 68 5.12 -19.16 13.00
C PHE B 68 4.32 -18.96 11.72
N ASN B 69 3.01 -18.85 11.84
CA ASN B 69 2.10 -18.61 10.74
C ASN B 69 1.20 -17.51 11.30
N VAL B 70 1.22 -16.40 10.61
CA VAL B 70 0.15 -15.42 10.68
C VAL B 70 -0.91 -15.77 9.62
N ASP B 71 -2.10 -16.10 10.11
CA ASP B 71 -3.20 -16.41 9.24
C ASP B 71 -4.03 -15.17 9.04
N PHE B 72 -4.55 -15.05 7.84
CA PHE B 72 -5.39 -13.90 7.42
C PHE B 72 -6.76 -14.47 7.02
N ASP B 73 -7.78 -13.65 7.27
CA ASP B 73 -9.12 -13.84 6.80
C ASP B 73 -9.10 -13.76 5.30
N ASP B 74 -9.26 -14.90 4.63
CA ASP B 74 -9.22 -14.99 3.17
C ASP B 74 -10.66 -15.38 2.74
N THR B 75 -11.58 -14.81 3.49
CA THR B 75 -13.01 -14.96 3.27
C THR B 75 -13.62 -13.73 2.52
N GLU B 76 -12.82 -12.69 2.32
CA GLU B 76 -13.23 -11.49 1.62
C GLU B 76 -11.98 -11.14 0.75
N ASN B 77 -12.15 -10.26 -0.24
CA ASN B 77 -11.08 -9.93 -1.17
C ASN B 77 -10.36 -8.64 -0.76
N LYS B 78 -10.27 -8.40 0.54
CA LYS B 78 -9.61 -7.22 1.10
C LYS B 78 -8.10 -7.18 0.83
N SER B 79 -7.46 -8.35 0.91
CA SER B 79 -5.99 -8.48 0.83
C SER B 79 -5.62 -9.37 -0.35
N VAL B 80 -5.11 -8.73 -1.40
CA VAL B 80 -4.93 -9.37 -2.71
C VAL B 80 -3.62 -8.96 -3.31
N LEU B 81 -3.01 -9.92 -3.97
CA LEU B 81 -1.87 -9.74 -4.83
C LEU B 81 -2.28 -9.99 -6.31
N ARG B 82 -1.99 -9.03 -7.15
CA ARG B 82 -2.27 -9.06 -8.59
C ARG B 82 -1.06 -8.57 -9.34
N GLY B 83 -1.09 -8.75 -10.66
CA GLY B 83 -0.07 -8.22 -11.50
C GLY B 83 1.06 -9.17 -11.62
N GLY B 84 2.18 -8.65 -12.09
CA GLY B 84 3.35 -9.44 -12.39
C GLY B 84 3.05 -10.51 -13.37
N PRO B 85 3.49 -11.75 -13.03
CA PRO B 85 3.31 -12.95 -13.81
C PRO B 85 1.89 -13.55 -13.58
N LEU B 86 1.10 -13.03 -12.66
CA LEU B 86 -0.20 -13.66 -12.27
C LEU B 86 -1.34 -13.29 -13.21
N THR B 87 -2.18 -14.28 -13.52
CA THR B 87 -3.45 -13.98 -14.09
C THR B 87 -4.53 -14.02 -13.01
N GLY B 88 -5.22 -12.89 -12.87
CA GLY B 88 -6.32 -12.71 -11.94
C GLY B 88 -5.81 -12.32 -10.57
N SER B 89 -6.70 -12.47 -9.58
CA SER B 89 -6.54 -12.08 -8.19
C SER B 89 -6.20 -13.25 -7.25
N TYR B 90 -5.10 -13.09 -6.51
CA TYR B 90 -4.68 -14.09 -5.53
C TYR B 90 -4.88 -13.50 -4.12
N ARG B 91 -5.69 -14.19 -3.34
CA ARG B 91 -6.02 -13.77 -2.02
C ARG B 91 -4.95 -14.11 -0.98
N LEU B 92 -4.63 -13.12 -0.13
CA LEU B 92 -3.73 -13.32 0.99
C LEU B 92 -4.24 -14.44 1.93
N ARG B 93 -3.39 -15.41 2.24
CA ARG B 93 -3.74 -16.47 3.13
C ARG B 93 -2.89 -16.47 4.44
N GLN B 94 -1.57 -16.32 4.28
CA GLN B 94 -0.69 -16.57 5.41
C GLN B 94 0.74 -16.03 5.14
N VAL B 95 1.45 -15.74 6.24
CA VAL B 95 2.82 -15.32 6.25
C VAL B 95 3.54 -16.16 7.29
N HIS B 96 4.71 -16.61 6.91
CA HIS B 96 5.62 -17.42 7.76
C HIS B 96 7.07 -17.03 7.37
N LEU B 97 8.04 -17.63 8.07
CA LEU B 97 9.42 -17.20 7.94
C LEU B 97 10.32 -18.41 8.04
N HIS B 98 11.39 -18.39 7.27
CA HIS B 98 12.42 -19.39 7.35
C HIS B 98 13.71 -18.69 7.74
N TRP B 99 14.49 -19.40 8.54
CA TRP B 99 15.78 -18.90 8.99
C TRP B 99 16.72 -20.12 9.12
N GLY B 100 17.98 -19.85 9.45
CA GLY B 100 19.02 -20.85 9.69
C GLY B 100 19.50 -20.71 11.13
N SER B 101 20.39 -21.58 11.55
CA SER B 101 20.88 -21.58 12.94
C SER B 101 21.95 -20.47 13.22
N ALA B 102 22.43 -19.79 12.18
CA ALA B 102 23.20 -18.56 12.39
C ALA B 102 22.81 -17.46 11.41
N ASP B 103 23.07 -16.20 11.78
CA ASP B 103 22.68 -15.03 10.96
C ASP B 103 23.19 -15.04 9.52
N ASP B 104 24.21 -15.85 9.25
CA ASP B 104 24.89 -15.70 7.97
C ASP B 104 24.20 -16.49 6.85
N HIS B 105 23.23 -17.32 7.19
CA HIS B 105 22.42 -18.04 6.20
C HIS B 105 21.00 -18.20 6.76
N GLY B 106 20.16 -18.96 6.09
CA GLY B 106 18.79 -19.10 6.55
C GLY B 106 17.71 -18.85 5.50
N SER B 107 18.02 -18.07 4.45
CA SER B 107 17.08 -17.90 3.28
C SER B 107 16.97 -19.23 2.54
N GLU B 108 15.82 -19.41 1.91
CA GLU B 108 15.59 -20.63 1.11
C GLU B 108 16.20 -20.48 -0.26
N HIS B 109 15.80 -19.41 -0.95
CA HIS B 109 16.29 -19.01 -2.24
C HIS B 109 17.68 -18.42 -2.01
N ILE B 110 18.49 -18.55 -3.01
CA ILE B 110 19.87 -18.08 -3.00
C ILE B 110 20.10 -17.34 -4.31
N VAL B 111 20.84 -16.25 -4.25
CA VAL B 111 21.09 -15.41 -5.42
C VAL B 111 22.62 -15.29 -5.62
N ASP B 112 23.08 -15.83 -6.75
CA ASP B 112 24.49 -15.86 -7.14
C ASP B 112 25.39 -16.29 -5.95
N GLY B 113 25.01 -17.40 -5.34
CA GLY B 113 25.66 -17.88 -4.09
C GLY B 113 25.38 -17.18 -2.76
N VAL B 114 24.71 -16.04 -2.76
CA VAL B 114 24.43 -15.35 -1.50
C VAL B 114 23.13 -15.92 -0.86
N SER B 115 23.25 -16.37 0.41
CA SER B 115 22.13 -16.60 1.33
C SER B 115 21.91 -15.32 2.12
N TYR B 116 20.64 -15.06 2.45
CA TYR B 116 20.30 -13.96 3.33
C TYR B 116 20.06 -14.56 4.72
N ALA B 117 19.81 -13.73 5.75
CA ALA B 117 19.71 -14.21 7.14
C ALA B 117 18.37 -14.98 7.34
N ALA B 118 17.36 -14.59 6.55
CA ALA B 118 16.02 -15.22 6.70
C ALA B 118 15.24 -14.97 5.41
N GLU B 119 14.09 -15.62 5.26
CA GLU B 119 13.26 -15.38 4.08
C GLU B 119 11.81 -15.42 4.55
N LEU B 120 11.09 -14.34 4.28
CA LEU B 120 9.69 -14.21 4.62
C LEU B 120 8.86 -14.71 3.37
N HIS B 121 7.81 -15.50 3.63
CA HIS B 121 6.97 -15.99 2.58
C HIS B 121 5.53 -15.58 2.81
N VAL B 122 4.96 -14.96 1.78
CA VAL B 122 3.62 -14.38 1.84
C VAL B 122 2.80 -15.21 0.88
N VAL B 123 1.97 -16.09 1.41
CA VAL B 123 1.27 -17.12 0.62
C VAL B 123 -0.11 -16.61 0.20
N HIS B 124 -0.43 -16.75 -1.09
CA HIS B 124 -1.72 -16.34 -1.63
C HIS B 124 -2.28 -17.47 -2.49
N TRP B 125 -3.60 -17.44 -2.72
CA TRP B 125 -4.27 -18.46 -3.55
C TRP B 125 -5.20 -17.80 -4.58
N ASN B 126 -5.25 -18.46 -5.73
CA ASN B 126 -6.08 -18.02 -6.88
C ASN B 126 -7.61 -18.27 -6.55
N SER B 127 -8.25 -17.29 -5.97
CA SER B 127 -9.70 -17.33 -5.67
C SER B 127 -10.55 -16.95 -6.90
N ASP B 128 -9.91 -16.49 -7.95
CA ASP B 128 -10.68 -16.28 -9.20
C ASP B 128 -11.09 -17.59 -9.87
N LYS B 129 -10.22 -18.62 -9.79
CA LYS B 129 -10.44 -19.90 -10.47
C LYS B 129 -10.96 -20.94 -9.53
N TYR B 130 -10.50 -20.86 -8.29
CA TYR B 130 -10.72 -22.02 -7.41
C TYR B 130 -11.50 -21.61 -6.21
N PRO B 131 -12.31 -22.56 -5.69
CA PRO B 131 -13.22 -22.21 -4.64
C PRO B 131 -12.54 -22.10 -3.25
N SER B 132 -11.40 -22.77 -3.04
CA SER B 132 -10.72 -22.74 -1.71
C SER B 132 -9.21 -22.79 -1.86
N PHE B 133 -8.52 -22.43 -0.77
CA PHE B 133 -7.05 -22.58 -0.67
C PHE B 133 -6.66 -24.06 -0.91
N VAL B 134 -7.43 -24.99 -0.35
CA VAL B 134 -7.05 -26.40 -0.41
C VAL B 134 -7.10 -26.93 -1.88
N GLU B 135 -8.16 -26.55 -2.60
CA GLU B 135 -8.25 -26.92 -4.01
C GLU B 135 -7.15 -26.24 -4.82
N ALA B 136 -6.98 -24.93 -4.63
CA ALA B 136 -5.88 -24.18 -5.28
C ALA B 136 -4.48 -24.80 -5.10
N ALA B 137 -4.23 -25.40 -3.92
CA ALA B 137 -2.87 -25.91 -3.63
C ALA B 137 -2.45 -27.07 -4.55
N HIS B 138 -3.44 -27.65 -5.21
CA HIS B 138 -3.26 -28.81 -6.03
C HIS B 138 -3.32 -28.48 -7.51
N GLU B 139 -3.18 -27.21 -7.87
CA GLU B 139 -3.20 -26.80 -9.28
C GLU B 139 -1.97 -25.95 -9.60
N PRO B 140 -1.37 -26.16 -10.79
CA PRO B 140 -0.11 -25.43 -11.16
C PRO B 140 -0.20 -23.89 -11.10
N ASP B 141 -1.40 -23.32 -11.35
CA ASP B 141 -1.64 -21.89 -11.20
C ASP B 141 -2.34 -21.55 -9.87
N GLY B 142 -2.27 -22.43 -8.89
CA GLY B 142 -3.13 -22.28 -7.74
C GLY B 142 -2.60 -21.29 -6.71
N LEU B 143 -1.27 -21.24 -6.52
CA LEU B 143 -0.71 -20.45 -5.41
C LEU B 143 0.29 -19.40 -5.95
N ALA B 144 0.48 -18.31 -5.20
CA ALA B 144 1.54 -17.35 -5.51
C ALA B 144 2.11 -16.98 -4.15
N VAL B 145 3.43 -17.11 -4.03
CA VAL B 145 4.13 -16.75 -2.83
C VAL B 145 5.14 -15.64 -3.20
N LEU B 146 4.97 -14.51 -2.53
CA LEU B 146 5.96 -13.46 -2.38
C LEU B 146 7.10 -13.85 -1.37
N GLY B 147 8.36 -13.86 -1.84
CA GLY B 147 9.49 -14.12 -0.92
C GLY B 147 10.27 -12.80 -0.75
N VAL B 148 10.59 -12.49 0.51
CA VAL B 148 11.26 -11.32 0.85
C VAL B 148 12.41 -11.77 1.68
N PHE B 149 13.60 -11.41 1.22
CA PHE B 149 14.84 -11.72 1.95
C PHE B 149 15.02 -10.75 3.12
N LEU B 150 15.65 -11.25 4.17
CA LEU B 150 15.89 -10.44 5.34
C LEU B 150 17.39 -10.44 5.54
N GLN B 151 17.95 -9.21 5.64
CA GLN B 151 19.34 -9.00 6.03
C GLN B 151 19.41 -8.43 7.44
N ILE B 152 20.56 -8.66 8.08
CA ILE B 152 20.81 -8.14 9.43
C ILE B 152 20.95 -6.61 9.42
N GLY B 153 20.26 -5.92 10.33
CA GLY B 153 20.41 -4.46 10.49
C GLY B 153 19.34 -3.91 11.41
N GLU B 154 18.90 -2.67 11.17
CA GLU B 154 17.99 -2.01 12.12
C GLU B 154 16.72 -2.87 12.35
N PRO B 155 16.31 -3.00 13.62
CA PRO B 155 15.09 -3.80 13.85
C PRO B 155 13.85 -3.24 13.13
N ASN B 156 12.96 -4.14 12.69
CA ASN B 156 11.75 -3.73 12.02
C ASN B 156 10.59 -3.77 13.01
N SER B 157 9.73 -2.75 13.05
CA SER B 157 8.66 -2.68 14.06
C SER B 157 7.54 -3.69 13.82
N GLN B 158 7.33 -4.12 12.56
CA GLN B 158 6.27 -5.12 12.30
C GLN B 158 6.78 -6.49 12.70
N LEU B 159 8.08 -6.69 12.47
CA LEU B 159 8.74 -7.89 12.98
C LEU B 159 8.69 -7.96 14.53
N GLN B 160 8.90 -6.81 15.18
CA GLN B 160 8.87 -6.72 16.65
C GLN B 160 7.47 -7.14 17.15
N LYS B 161 6.41 -6.76 16.43
CA LYS B 161 5.07 -7.15 16.82
C LYS B 161 4.96 -8.70 16.84
N ILE B 162 5.61 -9.36 15.86
CA ILE B 162 5.66 -10.82 15.80
C ILE B 162 6.52 -11.33 16.93
N THR B 163 7.73 -10.77 17.05
CA THR B 163 8.61 -11.29 18.09
C THR B 163 7.97 -11.21 19.48
N ASP B 164 7.19 -10.14 19.80
CA ASP B 164 6.55 -9.96 21.10
C ASP B 164 5.58 -11.13 21.40
N THR B 165 5.12 -11.82 20.39
CA THR B 165 4.14 -12.92 20.58
C THR B 165 4.79 -14.30 20.80
N LEU B 166 6.08 -14.44 20.45
CA LEU B 166 6.81 -15.74 20.44
C LEU B 166 6.79 -16.55 21.71
N ASP B 167 6.86 -15.89 22.88
CA ASP B 167 6.75 -16.61 24.17
C ASP B 167 5.39 -17.25 24.32
N SER B 168 4.32 -16.55 23.93
CA SER B 168 2.94 -17.07 23.99
C SER B 168 2.64 -18.27 23.03
N ILE B 169 3.50 -18.38 22.01
CA ILE B 169 3.32 -19.44 21.01
C ILE B 169 4.59 -20.33 20.98
N LYS B 170 5.23 -20.48 22.14
CA LYS B 170 6.51 -21.24 22.14
C LYS B 170 6.37 -22.69 21.62
N GLU B 171 5.33 -23.42 22.08
CA GLU B 171 5.15 -24.84 21.76
C GLU B 171 4.37 -24.94 20.46
N LYS B 172 4.66 -26.01 19.74
CA LYS B 172 3.91 -26.38 18.53
C LYS B 172 2.40 -26.48 18.82
N GLY B 173 1.61 -25.79 18.01
CA GLY B 173 0.15 -25.79 18.23
C GLY B 173 -0.47 -24.67 19.04
N LYS B 174 0.35 -23.88 19.71
CA LYS B 174 -0.13 -22.69 20.43
C LYS B 174 -0.46 -21.59 19.46
N GLN B 175 -1.45 -20.78 19.82
CA GLN B 175 -1.89 -19.65 18.95
C GLN B 175 -2.35 -18.51 19.81
N THR B 176 -2.41 -17.32 19.21
CA THR B 176 -2.96 -16.16 19.87
C THR B 176 -3.57 -15.24 18.82
N ARG B 177 -4.57 -14.45 19.27
CA ARG B 177 -5.17 -13.39 18.44
C ARG B 177 -4.03 -12.47 17.99
N PHE B 178 -4.02 -12.15 16.72
CA PHE B 178 -2.97 -11.29 16.17
C PHE B 178 -3.64 -10.50 15.06
N THR B 179 -3.81 -9.21 15.29
CA THR B 179 -4.46 -8.41 14.25
C THR B 179 -3.79 -7.06 14.16
N ASN B 180 -4.30 -6.17 13.33
CA ASN B 180 -3.68 -4.84 13.13
C ASN B 180 -2.17 -4.97 12.79
N PHE B 181 -1.90 -5.84 11.82
CA PHE B 181 -0.55 -6.26 11.45
C PHE B 181 -0.38 -5.73 10.06
N ASP B 182 0.58 -4.82 9.86
CA ASP B 182 0.80 -4.25 8.53
C ASP B 182 1.93 -4.95 7.75
N LEU B 183 1.53 -5.95 6.95
CA LEU B 183 2.40 -6.59 6.00
C LEU B 183 3.13 -5.67 5.05
N LEU B 184 2.52 -4.56 4.59
CA LEU B 184 3.21 -3.57 3.72
C LEU B 184 4.47 -3.04 4.35
N SER B 185 4.52 -3.02 5.68
CA SER B 185 5.77 -2.60 6.35
C SER B 185 6.90 -3.65 6.30
N LEU B 186 6.59 -4.86 5.86
CA LEU B 186 7.64 -5.89 5.68
C LEU B 186 8.04 -5.99 4.18
N LEU B 187 7.62 -4.99 3.40
CA LEU B 187 8.02 -4.96 2.01
C LEU B 187 9.15 -3.95 1.89
N PRO B 188 10.15 -4.25 1.03
CA PRO B 188 11.23 -3.30 0.72
C PRO B 188 10.68 -2.16 -0.20
N PRO B 189 11.37 -1.03 -0.25
CA PRO B 189 10.84 -0.01 -1.13
C PRO B 189 10.70 -0.46 -2.60
N SER B 190 11.68 -1.15 -3.14
CA SER B 190 11.57 -1.62 -4.55
C SER B 190 10.79 -2.93 -4.55
N TRP B 191 9.87 -3.07 -5.50
CA TRP B 191 9.18 -4.36 -5.72
C TRP B 191 9.68 -5.08 -7.00
N ASP B 192 10.90 -4.80 -7.44
CA ASP B 192 11.51 -5.61 -8.52
C ASP B 192 11.67 -7.07 -8.05
N TYR B 193 11.46 -7.99 -8.95
CA TYR B 193 11.31 -9.39 -8.60
C TYR B 193 11.82 -10.34 -9.65
N TRP B 194 12.13 -11.53 -9.20
CA TRP B 194 12.31 -12.63 -10.11
C TRP B 194 11.06 -13.52 -10.01
N THR B 195 10.80 -14.29 -11.06
CA THR B 195 9.70 -15.22 -11.00
C THR B 195 9.98 -16.56 -11.72
N TYR B 196 9.43 -17.62 -11.14
CA TYR B 196 9.57 -18.94 -11.68
C TYR B 196 8.45 -19.88 -11.17
N PRO B 197 8.14 -20.92 -11.98
CA PRO B 197 7.14 -21.89 -11.44
C PRO B 197 7.83 -22.88 -10.48
N GLY B 198 7.17 -23.14 -9.36
CA GLY B 198 7.76 -24.04 -8.39
C GLY B 198 6.75 -24.70 -7.48
N SER B 199 7.17 -24.84 -6.23
CA SER B 199 6.47 -25.71 -5.28
C SER B 199 6.42 -25.07 -3.88
N LEU B 200 5.64 -25.68 -3.00
CA LEU B 200 5.80 -25.47 -1.54
C LEU B 200 7.20 -25.92 -1.17
N THR B 201 7.82 -25.23 -0.22
CA THR B 201 9.13 -25.65 0.18
C THR B 201 9.09 -26.60 1.36
N VAL B 202 7.87 -26.90 1.77
CA VAL B 202 7.63 -27.90 2.80
C VAL B 202 6.72 -28.97 2.26
N PRO B 203 6.78 -30.19 2.83
CA PRO B 203 5.74 -31.26 2.57
C PRO B 203 4.35 -30.67 2.78
N PRO B 204 3.39 -30.95 1.86
CA PRO B 204 3.59 -32.00 0.83
C PRO B 204 4.30 -31.57 -0.46
N LEU B 205 4.96 -30.40 -0.48
CA LEU B 205 5.87 -30.04 -1.61
C LEU B 205 5.17 -29.92 -3.00
N LEU B 206 3.92 -29.48 -2.96
CA LEU B 206 3.00 -29.51 -4.08
C LEU B 206 3.53 -28.53 -5.13
N GLU B 207 3.53 -28.94 -6.40
CA GLU B 207 4.09 -28.10 -7.43
C GLU B 207 2.98 -27.20 -7.97
N SER B 208 2.64 -26.16 -7.17
CA SER B 208 1.48 -25.35 -7.52
C SER B 208 1.74 -23.90 -7.27
N VAL B 209 3.02 -23.53 -7.16
CA VAL B 209 3.40 -22.14 -6.76
C VAL B 209 4.01 -21.28 -7.87
N THR B 210 3.44 -20.11 -8.11
CA THR B 210 4.14 -19.08 -8.86
C THR B 210 4.99 -18.33 -7.80
N TRP B 211 6.31 -18.48 -7.92
CA TRP B 211 7.25 -17.85 -6.99
C TRP B 211 7.49 -16.47 -7.45
N ILE B 212 7.37 -15.53 -6.55
CA ILE B 212 7.73 -14.13 -6.83
C ILE B 212 8.70 -13.65 -5.71
N VAL B 213 9.99 -13.56 -6.05
CA VAL B 213 11.04 -13.34 -5.12
C VAL B 213 11.58 -11.95 -5.34
N LEU B 214 11.36 -11.09 -4.35
CA LEU B 214 11.85 -9.72 -4.45
C LEU B 214 13.34 -9.58 -4.34
N LYS B 215 13.90 -8.74 -5.18
CA LYS B 215 15.35 -8.49 -5.20
C LYS B 215 15.86 -7.82 -3.92
N GLN B 216 15.15 -6.79 -3.45
CA GLN B 216 15.68 -6.00 -2.33
C GLN B 216 15.30 -6.63 -0.98
N PRO B 217 16.32 -6.86 -0.12
CA PRO B 217 16.03 -7.34 1.24
C PRO B 217 15.47 -6.22 2.15
N ILE B 218 14.78 -6.68 3.19
CA ILE B 218 14.33 -5.80 4.26
C ILE B 218 15.28 -6.13 5.41
N ASN B 219 15.10 -5.44 6.54
CA ASN B 219 16.03 -5.51 7.68
C ASN B 219 15.47 -6.23 8.86
N ILE B 220 16.34 -7.01 9.48
CA ILE B 220 16.05 -7.63 10.75
C ILE B 220 17.27 -7.53 11.71
N SER B 221 17.02 -7.22 12.99
CA SER B 221 18.17 -7.19 13.92
C SER B 221 18.58 -8.60 14.20
N SER B 222 19.84 -8.79 14.54
CA SER B 222 20.28 -10.12 15.01
C SER B 222 19.45 -10.53 16.28
N GLN B 223 19.15 -9.55 17.13
CA GLN B 223 18.38 -9.84 18.36
C GLN B 223 16.95 -10.33 18.08
N GLN B 224 16.25 -9.65 17.16
CA GLN B 224 14.98 -10.14 16.57
C GLN B 224 15.03 -11.56 16.01
N LEU B 225 16.06 -11.85 15.20
CA LEU B 225 16.13 -13.09 14.46
C LEU B 225 16.41 -14.23 15.41
N ALA B 226 17.28 -13.99 16.41
CA ALA B 226 17.57 -15.02 17.37
C ALA B 226 16.30 -15.57 18.05
N LYS B 227 15.28 -14.74 18.31
CA LYS B 227 14.07 -15.17 19.09
C LYS B 227 13.30 -16.32 18.37
N PHE B 228 13.38 -16.35 17.03
CA PHE B 228 12.74 -17.44 16.21
C PHE B 228 13.36 -18.82 16.44
N ARG B 229 14.67 -18.85 16.66
CA ARG B 229 15.36 -20.13 16.80
C ARG B 229 15.07 -20.90 18.10
N SER B 230 14.42 -20.24 19.05
CA SER B 230 13.96 -20.78 20.33
C SER B 230 12.49 -21.24 20.35
N LEU B 231 11.83 -21.15 19.19
CA LEU B 231 10.50 -21.76 19.02
C LEU B 231 10.69 -23.25 19.08
N LEU B 232 9.70 -23.97 19.59
CA LEU B 232 9.72 -25.44 19.62
C LEU B 232 9.03 -26.00 18.42
N CYS B 233 9.52 -27.14 17.96
CA CYS B 233 8.85 -27.97 16.95
C CYS B 233 7.97 -29.04 17.64
N THR B 234 7.89 -28.98 18.96
CA THR B 234 7.21 -29.96 19.76
C THR B 234 6.10 -29.29 20.55
N ALA B 235 5.08 -30.06 20.91
CA ALA B 235 3.88 -29.48 21.55
C ALA B 235 4.04 -29.40 23.10
N GLU B 236 3.11 -28.73 23.77
CA GLU B 236 3.18 -28.63 25.25
C GLU B 236 3.18 -30.02 25.88
N GLY B 237 3.97 -30.16 26.95
CA GLY B 237 4.05 -31.41 27.68
C GLY B 237 5.00 -32.44 27.09
N GLU B 238 5.38 -32.27 25.82
CA GLU B 238 6.22 -33.25 25.12
C GLU B 238 7.71 -32.90 25.24
N ALA B 239 8.58 -33.91 25.08
CA ALA B 239 10.03 -33.63 25.08
C ALA B 239 10.35 -32.49 24.08
N ALA B 240 10.93 -31.40 24.60
CA ALA B 240 11.31 -30.26 23.77
C ALA B 240 12.35 -30.58 22.65
N ALA B 241 12.07 -30.09 21.47
CA ALA B 241 13.08 -29.99 20.45
C ALA B 241 12.88 -28.60 19.81
N PHE B 242 13.98 -28.06 19.32
CA PHE B 242 14.01 -26.64 18.94
C PHE B 242 14.13 -26.44 17.43
N LEU B 243 13.40 -25.44 16.92
CA LEU B 243 13.39 -25.08 15.51
C LEU B 243 14.57 -24.10 15.21
N VAL B 244 15.78 -24.60 15.37
CA VAL B 244 17.01 -23.78 15.19
C VAL B 244 17.17 -23.35 13.75
N SER B 245 16.59 -24.15 12.84
CA SER B 245 16.74 -23.96 11.41
C SER B 245 15.56 -24.62 10.66
N ASN B 246 14.99 -23.90 9.72
CA ASN B 246 13.81 -24.40 9.03
C ASN B 246 13.82 -24.03 7.54
N HIS B 247 15.00 -24.02 6.93
CA HIS B 247 15.10 -23.76 5.46
C HIS B 247 15.50 -25.00 4.67
N ARG B 248 14.91 -25.13 3.46
CA ARG B 248 15.16 -26.22 2.56
C ARG B 248 16.29 -25.79 1.63
N PRO B 249 17.21 -26.72 1.32
CA PRO B 249 18.25 -26.47 0.33
C PRO B 249 17.65 -26.20 -1.06
N PRO B 250 18.38 -25.44 -1.89
CA PRO B 250 17.93 -25.19 -3.23
C PRO B 250 17.83 -26.49 -4.04
N GLN B 251 16.88 -26.51 -4.94
CA GLN B 251 16.55 -27.68 -5.74
C GLN B 251 16.85 -27.42 -7.25
N PRO B 252 17.13 -28.50 -8.02
CA PRO B 252 17.47 -28.41 -9.46
C PRO B 252 16.41 -27.74 -10.32
N LEU B 253 16.83 -26.82 -11.19
CA LEU B 253 15.87 -26.15 -12.06
C LEU B 253 15.17 -27.14 -13.00
N LYS B 254 15.87 -28.25 -13.27
CA LYS B 254 15.38 -29.38 -14.08
C LYS B 254 14.81 -28.81 -15.37
N GLY B 255 15.52 -27.81 -15.94
CA GLY B 255 15.02 -27.12 -17.14
C GLY B 255 14.16 -25.90 -17.11
N ARG B 256 13.72 -25.44 -15.92
CA ARG B 256 12.85 -24.22 -15.80
C ARG B 256 13.72 -22.98 -15.93
N LYS B 257 13.17 -21.91 -16.47
CA LYS B 257 13.83 -20.60 -16.56
C LYS B 257 13.36 -19.68 -15.43
N VAL B 258 14.19 -18.70 -15.04
CA VAL B 258 13.81 -17.63 -14.12
C VAL B 258 13.72 -16.31 -14.88
N ARG B 259 12.60 -15.63 -14.82
CA ARG B 259 12.43 -14.31 -15.39
C ARG B 259 12.61 -13.18 -14.34
N ALA B 260 13.10 -12.01 -14.75
CA ALA B 260 13.21 -10.79 -13.90
C ALA B 260 12.26 -9.75 -14.45
N SER B 261 11.66 -8.98 -13.55
CA SER B 261 10.84 -7.81 -13.90
C SER B 261 11.75 -6.56 -14.24
N PHE B 262 13.05 -6.75 -14.11
CA PHE B 262 13.92 -5.57 -14.08
C PHE B 262 15.19 -5.96 -14.79
N HIS B 263 15.93 -4.95 -15.26
CA HIS B 263 17.33 -5.19 -15.64
C HIS B 263 18.38 -4.22 -15.00
ZN ZN C . -7.17 20.59 -2.17
C2 E1E D . -3.51 21.38 2.70
C4 E1E D . -4.38 21.59 0.44
C5 E1E D . -5.47 22.36 0.92
CL1 E1E D . -2.06 20.17 0.73
C3 E1E D . -3.41 21.08 1.31
S6 E1E D . -4.30 21.18 -1.32
O8 E1E D . -4.50 19.68 -1.35
N11 E1E D . -5.80 21.87 -2.10
O7 E1E D . -2.88 21.69 -2.04
C22 E1E D . -4.56 22.12 3.18
C1 E1E D . -5.56 22.62 2.27
C9 E1E D . -4.60 22.38 4.65
O12 E1E D . -4.27 21.44 5.43
C10 E1E D . -5.02 23.72 5.16
S13 E1E D . -5.12 23.66 6.97
C14 E1E D . -3.45 24.19 7.32
N17 E1E D . -2.49 24.49 6.35
C18 E1E D . -1.25 24.91 6.75
C21 E1E D . -0.21 25.24 5.74
C19 E1E D . -0.96 25.05 8.14
C16 E1E D . -1.96 24.73 9.07
N15 E1E D . -3.17 24.30 8.64
C20 E1E D . -1.80 24.83 10.57
C1 PGE E . 7.89 -1.99 -10.58
O1 PGE E . 7.39 -2.07 -9.26
C2 PGE E . 7.62 -0.69 -11.30
O2 PGE E . 6.50 -0.11 -10.68
C3 PGE E . 5.63 0.45 -11.62
C4 PGE E . 4.45 1.11 -10.94
O4 PGE E . 0.78 2.28 -11.28
C6 PGE E . 1.48 1.30 -10.54
C5 PGE E . 2.37 0.45 -11.42
O3 PGE E . 3.38 1.32 -11.81
ZN ZN F . 7.91 -20.83 3.24
C2 E1E G . 2.14 -23.13 1.91
C4 E1E G . 4.52 -22.78 2.02
C5 E1E G . 4.55 -23.30 3.30
CL1 E1E G . 3.16 -22.01 -0.28
C3 E1E G . 3.31 -22.66 1.32
S6 E1E G . 6.05 -22.15 1.26
O8 E1E G . 5.80 -20.64 1.13
N11 E1E G . 7.13 -22.41 2.65
O7 E1E G . 6.39 -22.89 -0.16
C22 E1E G . 2.20 -23.66 3.17
C1 E1E G . 3.39 -23.77 3.89
C9 E1E G . 0.88 -24.06 3.74
O12 E1E G . -0.08 -23.31 3.42
C10 E1E G . 0.70 -25.18 4.73
S13 E1E G . -0.90 -24.86 5.57
C14 E1E G . -1.88 -25.88 4.47
N17 E1E G . -3.16 -26.20 4.85
C18 E1E G . -3.94 -27.01 4.09
C21 E1E G . -5.31 -27.30 4.60
C19 E1E G . -3.45 -27.51 2.86
C16 E1E G . -2.14 -27.16 2.48
N15 E1E G . -1.39 -26.35 3.29
C20 E1E G . -1.55 -27.65 1.20
#